data_1XTG
#
_entry.id   1XTG
#
_cell.length_a   86.000
_cell.length_b   86.000
_cell.length_c   165.400
_cell.angle_alpha   90.00
_cell.angle_beta   90.00
_cell.angle_gamma   90.00
#
_symmetry.space_group_name_H-M   'P 43 21 2'
#
loop_
_entity.id
_entity.type
_entity.pdbx_description
1 polymer 'NEUROTOXIN BONT/A'
2 polymer 'Synaptosomal-associated protein 25'
3 non-polymer 'ZINC ION'
4 non-polymer 'CHLORIDE ION'
5 water water
#
loop_
_entity_poly.entity_id
_entity_poly.type
_entity_poly.pdbx_seq_one_letter_code
_entity_poly.pdbx_strand_id
1 'polypeptide(L)'
;PFVNKQFNYKDPVNGVDIAYIKIPNAGQMQPVKAFKIHNKIWVIPERDTFTNPEEGDLNPPPEAKQVPVSYYDSTYLSTD
NEKDNYLKGVTKLFERIYSTDLGRMLLTSIVRGIPFWGGSTIDTELKVIDTNCINVIQPDGSYRSEELNLVIIGPSADII
QFECKSFGHEVLNLTRNGYGSTQYIRFSPDFTFGFEESLEVDTNPLLGAGKFATDPAVTLAHQLIHAGHRLYGIAINPNR
VFKVNTNAYYEMSGLEVSFEELRTFGGHDAKFIDSLQENEFRLYYYNKFKDIASTLNKAKSIVGTTASLQYMKNVFKEKY
LLSEDTSGKFSVDKLKFDKLYKMLTEIYTEDNFVKFFKVLNRKTFLNFDKAVFKINIVPKVNYTIYDGFNLRNTNLAANF
NGQNTEINNMNFTKLKNFTPLVPR
;
A
2 'polypeptide(L)' MDENLEQVSGIIGNLRHMALDMGNEIDTQNRQIDRIMEKADSNKTRIDEANQRATKMLG B
#
loop_
_chem_comp.id
_chem_comp.type
_chem_comp.name
_chem_comp.formula
CL non-polymer 'CHLORIDE ION' 'Cl -1'
ZN non-polymer 'ZINC ION' 'Zn 2'
#
# COMPACT_ATOMS: atom_id res chain seq x y z
N PRO A 1 -5.22 -2.24 -10.49
CA PRO A 1 -5.15 -1.38 -11.69
C PRO A 1 -6.54 -1.12 -12.20
N PHE A 2 -6.65 -0.96 -13.51
CA PHE A 2 -7.93 -0.75 -14.17
C PHE A 2 -8.82 -1.89 -13.67
N VAL A 3 -10.05 -1.54 -13.32
CA VAL A 3 -11.02 -2.50 -12.84
C VAL A 3 -12.05 -2.60 -13.98
N ASN A 4 -12.00 -3.69 -14.74
CA ASN A 4 -12.92 -3.87 -15.85
C ASN A 4 -14.18 -4.59 -15.45
N LYS A 5 -14.75 -4.22 -14.31
CA LYS A 5 -15.95 -4.87 -13.83
C LYS A 5 -16.81 -3.83 -13.14
N GLN A 6 -18.11 -3.93 -13.34
CA GLN A 6 -19.08 -3.03 -12.73
C GLN A 6 -19.57 -3.69 -11.46
N PHE A 7 -18.85 -3.49 -10.36
CA PHE A 7 -19.22 -4.10 -9.09
C PHE A 7 -20.18 -3.32 -8.21
N ASN A 8 -21.19 -4.02 -7.71
CA ASN A 8 -22.17 -3.47 -6.79
C ASN A 8 -22.07 -4.39 -5.59
N TYR A 9 -22.02 -3.82 -4.40
CA TYR A 9 -21.90 -4.63 -3.20
C TYR A 9 -22.89 -5.77 -3.11
N LYS A 10 -24.13 -5.52 -3.51
CA LYS A 10 -25.18 -6.53 -3.45
C LYS A 10 -25.08 -7.66 -4.49
N ASP A 11 -24.15 -7.54 -5.44
CA ASP A 11 -23.99 -8.57 -6.47
C ASP A 11 -23.80 -9.94 -5.81
N PRO A 12 -24.54 -10.95 -6.29
CA PRO A 12 -24.42 -12.30 -5.72
C PRO A 12 -23.02 -12.88 -5.88
N VAL A 13 -22.58 -13.66 -4.91
CA VAL A 13 -21.26 -14.27 -4.96
C VAL A 13 -21.23 -15.27 -6.11
N ASN A 14 -20.06 -15.47 -6.70
CA ASN A 14 -19.91 -16.41 -7.80
C ASN A 14 -18.68 -17.28 -7.62
N GLY A 15 -18.03 -17.15 -6.47
CA GLY A 15 -16.84 -17.95 -6.19
C GLY A 15 -15.63 -17.65 -7.06
N VAL A 16 -15.76 -16.65 -7.93
CA VAL A 16 -14.68 -16.25 -8.84
C VAL A 16 -14.12 -14.87 -8.51
N ASP A 17 -14.91 -13.82 -8.74
CA ASP A 17 -14.43 -12.48 -8.41
C ASP A 17 -15.31 -11.78 -7.38
N ILE A 18 -16.32 -12.48 -6.89
CA ILE A 18 -17.19 -11.97 -5.84
C ILE A 18 -17.44 -13.16 -4.95
N ALA A 19 -16.92 -13.13 -3.73
CA ALA A 19 -17.08 -14.26 -2.85
C ALA A 19 -16.81 -13.96 -1.40
N TYR A 20 -17.25 -14.88 -0.54
CA TYR A 20 -16.99 -14.77 0.88
C TYR A 20 -15.64 -15.46 0.99
N ILE A 21 -14.72 -14.84 1.73
CA ILE A 21 -13.40 -15.42 1.84
C ILE A 21 -12.91 -15.48 3.28
N LYS A 22 -11.83 -16.23 3.47
CA LYS A 22 -11.21 -16.37 4.77
C LYS A 22 -9.70 -16.27 4.58
N ILE A 23 -9.03 -15.65 5.54
CA ILE A 23 -7.59 -15.54 5.49
C ILE A 23 -7.06 -16.55 6.50
N PRO A 24 -6.69 -17.76 6.04
CA PRO A 24 -6.16 -18.89 6.81
C PRO A 24 -5.22 -18.46 7.93
N ASN A 25 -4.50 -17.39 7.66
CA ASN A 25 -3.55 -16.83 8.60
C ASN A 25 -4.25 -16.28 9.83
N ALA A 26 -5.22 -15.40 9.59
CA ALA A 26 -5.97 -14.78 10.67
C ALA A 26 -6.97 -15.73 11.32
N GLY A 27 -6.46 -16.59 12.19
CA GLY A 27 -7.31 -17.55 12.88
C GLY A 27 -8.46 -18.08 12.06
N GLN A 28 -9.56 -18.40 12.73
CA GLN A 28 -10.75 -18.92 12.07
C GLN A 28 -11.89 -17.91 12.16
N MET A 29 -11.63 -16.69 11.72
CA MET A 29 -12.65 -15.64 11.76
C MET A 29 -13.87 -15.98 10.90
N GLN A 30 -14.82 -15.05 10.86
CA GLN A 30 -16.04 -15.24 10.08
C GLN A 30 -15.77 -14.85 8.63
N PRO A 31 -16.34 -15.59 7.66
CA PRO A 31 -16.11 -15.26 6.25
C PRO A 31 -16.67 -13.89 5.89
N VAL A 32 -15.88 -13.11 5.14
CA VAL A 32 -16.29 -11.78 4.73
C VAL A 32 -16.41 -11.69 3.21
N LYS A 33 -17.40 -10.93 2.75
CA LYS A 33 -17.61 -10.79 1.32
C LYS A 33 -16.53 -9.90 0.71
N ALA A 34 -15.90 -10.39 -0.36
CA ALA A 34 -14.84 -9.65 -1.00
C ALA A 34 -15.02 -9.57 -2.51
N PHE A 35 -14.26 -8.67 -3.13
CA PHE A 35 -14.34 -8.46 -4.57
C PHE A 35 -12.94 -8.40 -5.18
N LYS A 36 -12.72 -9.20 -6.23
CA LYS A 36 -11.44 -9.22 -6.92
C LYS A 36 -11.52 -8.18 -8.02
N ILE A 37 -10.88 -7.04 -7.83
CA ILE A 37 -10.95 -5.98 -8.82
C ILE A 37 -9.90 -6.08 -9.92
N HIS A 38 -8.94 -6.98 -9.74
CA HIS A 38 -7.85 -7.14 -10.71
C HIS A 38 -7.09 -8.39 -10.31
N ASN A 39 -6.36 -9.00 -11.25
CA ASN A 39 -5.58 -10.18 -10.91
C ASN A 39 -4.66 -9.83 -9.73
N LYS A 40 -4.63 -10.72 -8.73
CA LYS A 40 -3.81 -10.57 -7.54
C LYS A 40 -4.28 -9.52 -6.52
N ILE A 41 -5.38 -8.83 -6.80
CA ILE A 41 -5.87 -7.77 -5.90
C ILE A 41 -7.35 -7.89 -5.50
N TRP A 42 -7.60 -8.01 -4.20
CA TRP A 42 -8.95 -8.12 -3.68
C TRP A 42 -9.31 -6.93 -2.78
N VAL A 43 -10.60 -6.65 -2.67
CA VAL A 43 -11.06 -5.57 -1.81
C VAL A 43 -12.14 -6.11 -0.86
N ILE A 44 -11.93 -5.87 0.44
CA ILE A 44 -12.88 -6.31 1.46
C ILE A 44 -13.43 -5.05 2.12
N PRO A 45 -14.65 -4.63 1.72
CA PRO A 45 -15.27 -3.43 2.29
C PRO A 45 -15.81 -3.60 3.71
N GLU A 46 -14.93 -3.93 4.65
CA GLU A 46 -15.31 -4.12 6.06
C GLU A 46 -14.26 -3.47 6.95
N ARG A 47 -14.67 -3.07 8.15
CA ARG A 47 -13.74 -2.49 9.11
C ARG A 47 -12.80 -3.64 9.45
N ASP A 48 -11.51 -3.37 9.56
CA ASP A 48 -10.59 -4.47 9.86
C ASP A 48 -10.54 -4.93 11.31
N THR A 49 -11.26 -6.02 11.57
CA THR A 49 -11.28 -6.62 12.89
C THR A 49 -10.91 -8.08 12.70
N PHE A 50 -10.26 -8.38 11.57
CA PHE A 50 -9.88 -9.75 11.23
C PHE A 50 -8.38 -10.03 11.26
N THR A 51 -7.60 -9.13 10.68
CA THR A 51 -6.16 -9.31 10.61
C THR A 51 -5.50 -9.40 11.97
N ASN A 52 -6.06 -8.71 12.97
CA ASN A 52 -5.50 -8.74 14.31
C ASN A 52 -6.60 -8.82 15.35
N PRO A 53 -6.73 -9.98 16.01
CA PRO A 53 -7.75 -10.21 17.05
C PRO A 53 -7.66 -9.16 18.16
N GLU A 54 -6.45 -8.65 18.37
CA GLU A 54 -6.18 -7.63 19.38
C GLU A 54 -6.95 -6.34 19.10
N GLU A 55 -7.33 -6.15 17.84
CA GLU A 55 -8.06 -4.95 17.44
C GLU A 55 -9.47 -5.30 16.99
N GLY A 56 -10.27 -5.81 17.93
CA GLY A 56 -11.64 -6.18 17.62
C GLY A 56 -12.66 -5.07 17.83
N ASP A 57 -12.42 -4.23 18.83
CA ASP A 57 -13.32 -3.12 19.13
C ASP A 57 -13.06 -1.97 18.18
N LEU A 58 -14.08 -1.12 17.98
CA LEU A 58 -13.95 0.00 17.07
C LEU A 58 -14.13 1.34 17.78
N ASN A 59 -14.07 1.32 19.11
CA ASN A 59 -14.22 2.55 19.87
C ASN A 59 -12.88 3.14 20.25
N PRO A 60 -12.84 4.43 20.62
CA PRO A 60 -11.56 5.02 20.99
C PRO A 60 -10.90 4.26 22.13
N PRO A 61 -9.58 4.05 22.04
CA PRO A 61 -8.85 3.31 23.08
C PRO A 61 -8.79 4.06 24.40
N PRO A 62 -8.54 3.33 25.50
CA PRO A 62 -8.46 3.91 26.84
C PRO A 62 -7.41 5.04 26.89
N GLU A 63 -6.27 4.78 26.26
CA GLU A 63 -5.19 5.76 26.19
C GLU A 63 -5.18 6.32 24.77
N ALA A 64 -5.66 7.54 24.60
CA ALA A 64 -5.71 8.17 23.28
C ALA A 64 -4.34 8.19 22.60
N LYS A 65 -4.29 7.87 21.32
CA LYS A 65 -3.04 7.86 20.57
C LYS A 65 -2.48 9.28 20.50
N GLN A 66 -1.17 9.41 20.70
CA GLN A 66 -0.53 10.72 20.64
C GLN A 66 -0.20 11.10 19.20
N VAL A 67 -1.22 11.33 18.38
CA VAL A 67 -1.00 11.70 16.98
C VAL A 67 -1.74 13.00 16.69
N PRO A 68 -1.27 13.78 15.71
CA PRO A 68 -1.88 15.06 15.32
C PRO A 68 -3.37 14.99 15.03
N VAL A 69 -3.80 13.94 14.33
CA VAL A 69 -5.22 13.80 13.98
C VAL A 69 -5.69 12.35 14.03
N SER A 70 -6.86 12.12 14.62
CA SER A 70 -7.45 10.80 14.71
C SER A 70 -8.95 10.95 14.66
N TYR A 71 -9.64 9.91 14.24
CA TYR A 71 -11.09 9.96 14.16
C TYR A 71 -11.68 8.58 14.42
N TYR A 72 -12.73 8.54 15.24
CA TYR A 72 -13.38 7.28 15.57
C TYR A 72 -14.88 7.36 15.37
N ASP A 73 -15.48 6.22 15.03
CA ASP A 73 -16.91 6.12 14.82
C ASP A 73 -17.18 4.65 14.52
N SER A 74 -17.57 3.91 15.54
CA SER A 74 -17.82 2.49 15.42
C SER A 74 -18.89 2.08 14.42
N THR A 75 -19.71 3.03 13.97
CA THR A 75 -20.77 2.71 13.02
C THR A 75 -20.38 2.86 11.56
N TYR A 76 -19.27 3.54 11.29
CA TYR A 76 -18.85 3.72 9.91
C TYR A 76 -18.55 2.39 9.20
N LEU A 77 -19.08 2.23 7.99
CA LEU A 77 -18.88 1.02 7.18
C LEU A 77 -19.64 -0.21 7.68
N SER A 78 -20.83 0.02 8.22
CA SER A 78 -21.63 -1.08 8.75
C SER A 78 -22.87 -1.38 7.91
N THR A 79 -23.18 -0.52 6.95
CA THR A 79 -24.37 -0.73 6.10
C THR A 79 -23.96 -1.12 4.68
N ASP A 80 -24.86 -1.77 3.96
CA ASP A 80 -24.59 -2.18 2.58
C ASP A 80 -24.34 -0.97 1.68
N ASN A 81 -25.06 0.12 1.91
CA ASN A 81 -24.88 1.31 1.09
C ASN A 81 -23.49 1.90 1.30
N GLU A 82 -22.99 1.87 2.54
CA GLU A 82 -21.66 2.39 2.81
C GLU A 82 -20.63 1.49 2.16
N LYS A 83 -20.81 0.19 2.31
CA LYS A 83 -19.89 -0.76 1.72
C LYS A 83 -19.89 -0.63 0.21
N ASP A 84 -21.05 -0.31 -0.37
CA ASP A 84 -21.11 -0.13 -1.81
C ASP A 84 -20.37 1.13 -2.20
N ASN A 85 -20.56 2.20 -1.43
CA ASN A 85 -19.88 3.47 -1.72
C ASN A 85 -18.37 3.33 -1.49
N TYR A 86 -17.97 2.51 -0.54
CA TYR A 86 -16.55 2.26 -0.25
C TYR A 86 -15.92 1.54 -1.45
N LEU A 87 -16.59 0.49 -1.93
CA LEU A 87 -16.07 -0.28 -3.05
C LEU A 87 -15.89 0.62 -4.26
N LYS A 88 -16.87 1.47 -4.53
CA LYS A 88 -16.81 2.39 -5.66
C LYS A 88 -15.75 3.47 -5.47
N GLY A 89 -15.54 3.88 -4.22
CA GLY A 89 -14.54 4.90 -3.96
C GLY A 89 -13.14 4.35 -4.15
N VAL A 90 -12.88 3.16 -3.59
CA VAL A 90 -11.58 2.54 -3.73
C VAL A 90 -11.29 2.25 -5.21
N THR A 91 -12.32 1.84 -5.96
CA THR A 91 -12.16 1.56 -7.38
C THR A 91 -11.78 2.80 -8.17
N LYS A 92 -12.46 3.90 -7.87
CA LYS A 92 -12.21 5.17 -8.54
C LYS A 92 -10.78 5.66 -8.29
N LEU A 93 -10.29 5.45 -7.07
CA LEU A 93 -8.94 5.89 -6.73
C LEU A 93 -7.91 5.03 -7.47
N PHE A 94 -8.19 3.73 -7.62
CA PHE A 94 -7.26 2.87 -8.36
C PHE A 94 -7.22 3.38 -9.80
N GLU A 95 -8.36 3.78 -10.34
CA GLU A 95 -8.39 4.28 -11.71
C GLU A 95 -7.62 5.60 -11.79
N ARG A 96 -7.75 6.46 -10.79
CA ARG A 96 -7.03 7.73 -10.79
C ARG A 96 -5.54 7.44 -10.78
N ILE A 97 -5.11 6.48 -9.97
CA ILE A 97 -3.69 6.13 -9.93
C ILE A 97 -3.30 5.59 -11.32
N TYR A 98 -4.16 4.76 -11.89
CA TYR A 98 -3.93 4.16 -13.20
C TYR A 98 -3.94 5.19 -14.35
N SER A 99 -4.36 6.42 -14.07
CA SER A 99 -4.45 7.46 -15.11
C SER A 99 -3.13 8.10 -15.54
N THR A 100 -2.03 7.74 -14.88
CA THR A 100 -0.73 8.30 -15.26
C THR A 100 0.26 7.15 -15.41
N ASP A 101 1.35 7.39 -16.13
CA ASP A 101 2.36 6.36 -16.34
C ASP A 101 2.97 5.87 -15.02
N LEU A 102 3.18 6.80 -14.09
CA LEU A 102 3.77 6.44 -12.80
C LEU A 102 2.89 5.42 -12.09
N GLY A 103 1.61 5.72 -12.02
CA GLY A 103 0.67 4.84 -11.36
C GLY A 103 0.51 3.51 -12.06
N ARG A 104 0.42 3.53 -13.39
CA ARG A 104 0.27 2.31 -14.17
C ARG A 104 1.46 1.39 -13.94
N MET A 105 2.65 1.97 -13.87
CA MET A 105 3.87 1.20 -13.66
C MET A 105 3.88 0.60 -12.23
N LEU A 106 3.52 1.41 -11.24
CA LEU A 106 3.49 0.93 -9.85
C LEU A 106 2.51 -0.23 -9.68
N LEU A 107 1.31 -0.10 -10.22
CA LEU A 107 0.31 -1.16 -10.10
C LEU A 107 0.76 -2.45 -10.79
N THR A 108 1.44 -2.32 -11.93
CA THR A 108 1.94 -3.50 -12.64
C THR A 108 3.05 -4.14 -11.83
N SER A 109 3.88 -3.32 -11.19
CA SER A 109 4.97 -3.86 -10.37
C SER A 109 4.36 -4.65 -9.22
N ILE A 110 3.26 -4.12 -8.66
CA ILE A 110 2.58 -4.77 -7.55
C ILE A 110 1.96 -6.10 -7.99
N VAL A 111 1.33 -6.12 -9.16
CA VAL A 111 0.72 -7.35 -9.65
C VAL A 111 1.80 -8.38 -9.99
N ARG A 112 2.99 -7.90 -10.37
CA ARG A 112 4.12 -8.77 -10.69
C ARG A 112 4.83 -9.27 -9.41
N GLY A 113 4.62 -8.55 -8.32
CA GLY A 113 5.29 -8.90 -7.07
C GLY A 113 4.81 -10.12 -6.32
N ILE A 114 4.69 -11.24 -7.01
CA ILE A 114 4.22 -12.46 -6.38
C ILE A 114 5.16 -12.95 -5.26
N PRO A 115 4.60 -13.16 -4.05
CA PRO A 115 5.41 -13.64 -2.92
C PRO A 115 6.13 -14.95 -3.29
N PHE A 116 7.41 -15.02 -2.97
CA PHE A 116 8.22 -16.19 -3.28
C PHE A 116 7.73 -17.50 -2.71
N TRP A 117 7.97 -18.58 -3.44
CA TRP A 117 7.58 -19.92 -3.02
C TRP A 117 8.71 -20.52 -2.19
N GLY A 118 8.83 -20.10 -0.94
CA GLY A 118 9.88 -20.63 -0.10
C GLY A 118 9.39 -21.13 1.24
N GLY A 119 8.27 -21.84 1.25
CA GLY A 119 7.74 -22.34 2.51
C GLY A 119 8.04 -23.81 2.81
N SER A 120 9.02 -24.39 2.13
CA SER A 120 9.36 -25.79 2.35
C SER A 120 10.53 -26.01 3.31
N THR A 121 10.51 -27.13 4.01
CA THR A 121 11.59 -27.48 4.93
C THR A 121 12.70 -28.13 4.12
N ILE A 122 12.38 -28.50 2.88
CA ILE A 122 13.33 -29.14 1.99
C ILE A 122 13.93 -28.08 1.06
N ASP A 123 15.16 -27.66 1.34
CA ASP A 123 15.83 -26.63 0.56
C ASP A 123 15.74 -26.77 -0.96
N THR A 124 15.52 -27.99 -1.44
CA THR A 124 15.44 -28.21 -2.87
C THR A 124 14.00 -28.27 -3.39
N GLU A 125 13.03 -27.99 -2.52
CA GLU A 125 11.63 -28.03 -2.90
C GLU A 125 10.94 -26.66 -2.85
N LEU A 126 10.30 -26.26 -3.94
CA LEU A 126 9.57 -25.00 -3.98
C LEU A 126 8.17 -25.27 -3.45
N LYS A 127 7.76 -24.49 -2.45
CA LYS A 127 6.44 -24.66 -1.83
C LYS A 127 5.89 -23.28 -1.45
N VAL A 128 4.57 -23.12 -1.60
CA VAL A 128 3.91 -21.86 -1.29
C VAL A 128 3.90 -21.60 0.22
N ILE A 129 3.71 -20.34 0.59
CA ILE A 129 3.61 -19.97 1.99
C ILE A 129 2.14 -19.62 2.19
N ASP A 130 1.43 -20.43 2.98
CA ASP A 130 -0.01 -20.27 3.23
C ASP A 130 -0.46 -18.85 3.58
N THR A 131 0.45 -18.08 4.17
CA THR A 131 0.21 -16.71 4.57
C THR A 131 0.05 -15.76 3.37
N ASN A 132 0.31 -16.27 2.16
CA ASN A 132 0.23 -15.46 0.95
C ASN A 132 -0.97 -15.90 0.09
N CYS A 133 -1.96 -16.53 0.72
CA CYS A 133 -3.15 -17.00 0.01
C CYS A 133 -4.40 -16.67 0.82
N ILE A 134 -5.57 -16.91 0.22
CA ILE A 134 -6.85 -16.75 0.90
C ILE A 134 -7.68 -17.93 0.43
N ASN A 135 -8.72 -18.26 1.18
CA ASN A 135 -9.61 -19.34 0.80
C ASN A 135 -10.87 -18.68 0.28
N VAL A 136 -11.24 -19.04 -0.95
CA VAL A 136 -12.41 -18.48 -1.60
C VAL A 136 -13.55 -19.49 -1.54
N ILE A 137 -14.61 -19.13 -0.82
CA ILE A 137 -15.77 -20.00 -0.69
C ILE A 137 -16.59 -19.95 -1.97
N GLN A 138 -17.05 -21.12 -2.41
CA GLN A 138 -17.86 -21.23 -3.62
C GLN A 138 -19.35 -21.27 -3.30
N PRO A 139 -20.20 -21.02 -4.30
CA PRO A 139 -21.65 -21.04 -4.08
C PRO A 139 -22.16 -22.44 -3.66
N ASP A 140 -21.45 -23.48 -4.08
CA ASP A 140 -21.85 -24.85 -3.72
C ASP A 140 -21.46 -25.20 -2.30
N GLY A 141 -20.73 -24.30 -1.64
CA GLY A 141 -20.33 -24.55 -0.27
C GLY A 141 -18.87 -24.94 -0.09
N SER A 142 -18.27 -25.50 -1.15
CA SER A 142 -16.87 -25.88 -1.08
C SER A 142 -16.02 -24.62 -1.19
N TYR A 143 -14.70 -24.80 -1.25
CA TYR A 143 -13.81 -23.65 -1.39
C TYR A 143 -12.50 -24.07 -2.05
N ARG A 144 -11.78 -23.07 -2.55
CA ARG A 144 -10.50 -23.29 -3.17
C ARG A 144 -9.55 -22.21 -2.69
N SER A 145 -8.27 -22.53 -2.61
CA SER A 145 -7.29 -21.56 -2.17
C SER A 145 -6.73 -20.85 -3.38
N GLU A 146 -6.33 -19.60 -3.18
CA GLU A 146 -5.79 -18.78 -4.27
C GLU A 146 -4.72 -17.82 -3.75
N GLU A 147 -3.63 -17.66 -4.52
CA GLU A 147 -2.56 -16.75 -4.13
C GLU A 147 -2.97 -15.35 -4.57
N LEU A 148 -2.52 -14.34 -3.84
CA LEU A 148 -2.82 -12.96 -4.17
C LEU A 148 -1.71 -12.09 -3.60
N ASN A 149 -1.59 -10.87 -4.11
CA ASN A 149 -0.55 -9.94 -3.67
C ASN A 149 -1.03 -8.81 -2.77
N LEU A 150 -2.26 -8.34 -2.99
CA LEU A 150 -2.76 -7.22 -2.23
C LEU A 150 -4.22 -7.31 -1.87
N VAL A 151 -4.54 -6.86 -0.66
CA VAL A 151 -5.91 -6.81 -0.19
C VAL A 151 -6.12 -5.42 0.41
N ILE A 152 -7.18 -4.73 -0.02
CA ILE A 152 -7.51 -3.40 0.51
C ILE A 152 -8.66 -3.64 1.49
N ILE A 153 -8.51 -3.21 2.72
CA ILE A 153 -9.56 -3.41 3.71
C ILE A 153 -9.89 -2.11 4.45
N GLY A 154 -11.08 -2.06 5.05
CA GLY A 154 -11.50 -0.88 5.78
C GLY A 154 -10.64 -0.66 7.01
N PRO A 155 -10.66 0.54 7.60
CA PRO A 155 -9.83 0.79 8.79
C PRO A 155 -10.29 0.09 10.06
N SER A 156 -9.42 0.12 11.07
CA SER A 156 -9.75 -0.47 12.36
C SER A 156 -10.37 0.68 13.17
N ALA A 157 -10.22 0.66 14.50
CA ALA A 157 -10.79 1.70 15.36
C ALA A 157 -10.53 3.14 14.88
N ASP A 158 -9.26 3.52 14.71
CA ASP A 158 -8.95 4.86 14.22
C ASP A 158 -9.18 4.86 12.72
N ILE A 159 -10.28 5.47 12.31
CA ILE A 159 -10.67 5.51 10.91
C ILE A 159 -9.64 6.06 9.93
N ILE A 160 -8.81 7.00 10.34
CA ILE A 160 -7.83 7.54 9.42
C ILE A 160 -6.42 6.99 9.62
N GLN A 161 -6.30 5.91 10.37
CA GLN A 161 -5.01 5.27 10.58
C GLN A 161 -4.84 4.30 9.41
N PHE A 162 -4.20 4.74 8.33
CA PHE A 162 -4.00 3.90 7.17
C PHE A 162 -2.61 3.27 7.27
N GLU A 163 -2.50 2.00 6.93
CA GLU A 163 -1.23 1.32 7.02
C GLU A 163 -1.17 0.14 6.07
N CYS A 164 0.00 -0.46 5.96
CA CYS A 164 0.21 -1.59 5.09
C CYS A 164 0.86 -2.68 5.94
N LYS A 165 0.12 -3.74 6.22
CA LYS A 165 0.62 -4.83 7.04
C LYS A 165 0.53 -6.18 6.35
N SER A 166 1.16 -7.19 6.95
CA SER A 166 1.11 -8.53 6.38
C SER A 166 1.38 -9.60 7.43
N PHE A 167 1.07 -10.84 7.09
CA PHE A 167 1.28 -11.96 8.00
C PHE A 167 2.73 -12.43 7.92
N GLY A 168 3.34 -12.64 9.06
CA GLY A 168 4.72 -13.06 9.05
C GLY A 168 4.93 -14.55 9.10
N HIS A 169 6.18 -14.94 8.88
CA HIS A 169 6.60 -16.32 8.92
C HIS A 169 7.17 -16.51 10.32
N GLU A 170 7.14 -17.73 10.84
CA GLU A 170 7.66 -17.95 12.18
C GLU A 170 9.16 -17.68 12.29
N VAL A 171 9.90 -17.84 11.20
CA VAL A 171 11.34 -17.62 11.22
C VAL A 171 11.82 -16.59 10.20
N LEU A 172 11.32 -16.68 8.98
CA LEU A 172 11.72 -15.77 7.92
C LEU A 172 11.16 -14.35 8.09
N ASN A 173 11.90 -13.36 7.61
CA ASN A 173 11.46 -11.97 7.64
C ASN A 173 11.09 -11.67 6.19
N LEU A 174 9.91 -12.12 5.79
CA LEU A 174 9.45 -11.97 4.40
C LEU A 174 9.51 -10.59 3.76
N THR A 175 9.20 -9.53 4.51
CA THR A 175 9.23 -8.21 3.89
C THR A 175 10.63 -7.65 3.70
N ARG A 176 11.64 -8.34 4.23
CA ARG A 176 13.02 -7.86 4.12
C ARG A 176 14.05 -8.90 3.65
N ASN A 177 13.61 -10.06 3.17
CA ASN A 177 14.57 -11.06 2.71
C ASN A 177 14.40 -11.29 1.21
N GLY A 178 13.74 -10.35 0.54
CA GLY A 178 13.52 -10.46 -0.89
C GLY A 178 12.35 -11.34 -1.30
N TYR A 179 11.83 -12.15 -0.37
CA TYR A 179 10.70 -13.05 -0.66
C TYR A 179 9.38 -12.33 -0.97
N GLY A 180 9.01 -11.41 -0.09
CA GLY A 180 7.75 -10.69 -0.27
C GLY A 180 6.65 -11.51 0.38
N SER A 181 5.52 -10.88 0.64
CA SER A 181 4.36 -11.52 1.24
C SER A 181 3.13 -10.69 0.90
N THR A 182 1.96 -11.32 0.92
CA THR A 182 0.72 -10.65 0.60
C THR A 182 0.49 -9.47 1.55
N GLN A 183 0.22 -8.31 0.98
CA GLN A 183 0.01 -7.09 1.76
C GLN A 183 -1.46 -6.73 1.95
N TYR A 184 -1.78 -6.30 3.17
CA TYR A 184 -3.12 -5.90 3.56
C TYR A 184 -3.06 -4.42 3.90
N ILE A 185 -3.81 -3.60 3.17
CA ILE A 185 -3.82 -2.16 3.40
C ILE A 185 -5.13 -1.70 4.00
N ARG A 186 -5.05 -1.09 5.19
CA ARG A 186 -6.23 -0.53 5.84
C ARG A 186 -6.35 0.84 5.22
N PHE A 187 -7.48 1.12 4.59
CA PHE A 187 -7.67 2.39 3.90
C PHE A 187 -9.16 2.72 3.80
N SER A 188 -9.45 4.01 3.63
CA SER A 188 -10.82 4.49 3.48
C SER A 188 -10.81 5.67 2.51
N PRO A 189 -11.69 5.64 1.49
CA PRO A 189 -11.77 6.73 0.51
C PRO A 189 -12.82 7.76 0.94
N ASP A 190 -13.44 7.55 2.10
CA ASP A 190 -14.49 8.44 2.59
C ASP A 190 -14.05 9.56 3.51
N PHE A 191 -12.77 9.63 3.81
CA PHE A 191 -12.25 10.68 4.68
C PHE A 191 -10.89 11.11 4.14
N THR A 192 -10.43 12.27 4.59
CA THR A 192 -9.10 12.75 4.20
C THR A 192 -8.60 13.77 5.21
N PHE A 193 -7.31 14.09 5.13
CA PHE A 193 -6.68 15.01 6.08
C PHE A 193 -6.66 16.47 5.65
N GLY A 194 -6.54 17.36 6.63
CA GLY A 194 -6.46 18.78 6.36
C GLY A 194 -5.11 19.29 6.80
N PHE A 195 -4.48 20.13 5.98
CA PHE A 195 -3.16 20.68 6.32
C PHE A 195 -3.07 22.12 5.86
N GLU A 196 -2.02 22.81 6.32
CA GLU A 196 -1.77 24.19 5.95
C GLU A 196 -0.49 24.21 5.14
N GLU A 197 -0.36 25.18 4.24
CA GLU A 197 0.86 25.31 3.45
C GLU A 197 1.98 25.78 4.37
N SER A 198 3.21 25.36 4.06
CA SER A 198 4.38 25.73 4.86
C SER A 198 4.43 27.23 5.19
N LEU A 199 4.73 27.54 6.45
CA LEU A 199 4.81 28.92 6.92
C LEU A 199 5.81 29.73 6.09
N GLU A 200 5.43 30.96 5.76
CA GLU A 200 6.28 31.84 4.96
C GLU A 200 7.42 32.40 5.83
N VAL A 201 7.50 31.90 7.07
CA VAL A 201 8.53 32.32 8.02
C VAL A 201 8.48 33.84 8.27
N ASP A 202 7.40 34.48 7.81
CA ASP A 202 7.24 35.92 7.99
C ASP A 202 5.76 36.32 8.03
N THR A 203 5.33 36.85 9.17
CA THR A 203 3.95 37.29 9.38
C THR A 203 2.93 36.20 9.03
N ASN A 204 2.62 35.35 10.00
CA ASN A 204 1.67 34.27 9.78
C ASN A 204 1.18 33.64 11.09
N PRO A 205 0.13 34.22 11.70
CA PRO A 205 -0.45 33.74 12.97
C PRO A 205 -0.80 32.25 12.89
N LEU A 206 -0.03 31.43 13.58
CA LEU A 206 -0.23 29.99 13.58
C LEU A 206 -1.67 29.56 13.84
N LEU A 207 -2.52 30.49 14.24
CA LEU A 207 -3.91 30.17 14.52
C LEU A 207 -4.71 29.88 13.24
N GLY A 208 -4.38 28.75 12.60
CA GLY A 208 -5.05 28.31 11.39
C GLY A 208 -5.77 27.00 11.73
N ALA A 209 -6.07 26.17 10.73
CA ALA A 209 -6.78 24.92 11.03
C ALA A 209 -6.77 23.88 9.92
N GLY A 210 -5.77 23.91 9.05
CA GLY A 210 -5.71 22.92 7.98
C GLY A 210 -6.78 23.13 6.92
N LYS A 211 -6.64 24.24 6.20
CA LYS A 211 -7.58 24.64 5.16
C LYS A 211 -7.60 23.74 3.91
N PHE A 212 -6.45 23.20 3.54
CA PHE A 212 -6.35 22.37 2.36
C PHE A 212 -6.50 20.88 2.64
N ALA A 213 -7.22 20.21 1.75
CA ALA A 213 -7.46 18.78 1.87
C ALA A 213 -6.51 17.96 1.01
N THR A 214 -6.00 16.89 1.60
CA THR A 214 -5.08 15.98 0.91
C THR A 214 -5.92 15.18 -0.09
N ASP A 215 -5.37 14.95 -1.27
CA ASP A 215 -6.06 14.17 -2.30
C ASP A 215 -5.95 12.69 -1.90
N PRO A 216 -7.10 12.00 -1.75
CA PRO A 216 -7.16 10.59 -1.37
C PRO A 216 -6.28 9.71 -2.24
N ALA A 217 -6.13 10.08 -3.50
CA ALA A 217 -5.33 9.31 -4.46
C ALA A 217 -3.85 9.23 -4.06
N VAL A 218 -3.35 10.30 -3.45
CA VAL A 218 -1.95 10.36 -3.01
C VAL A 218 -1.78 9.47 -1.78
N THR A 219 -2.76 9.53 -0.88
CA THR A 219 -2.73 8.73 0.33
C THR A 219 -2.72 7.24 -0.01
N LEU A 220 -3.53 6.85 -1.00
CA LEU A 220 -3.56 5.44 -1.39
C LEU A 220 -2.25 5.06 -2.09
N ALA A 221 -1.75 5.94 -2.95
CA ALA A 221 -0.50 5.68 -3.64
C ALA A 221 0.60 5.45 -2.60
N HIS A 222 0.57 6.26 -1.55
CA HIS A 222 1.55 6.16 -0.47
C HIS A 222 1.58 4.74 0.10
N GLN A 223 0.41 4.20 0.44
CA GLN A 223 0.37 2.85 0.98
C GLN A 223 0.78 1.81 -0.08
N LEU A 224 0.42 2.03 -1.33
CA LEU A 224 0.78 1.08 -2.39
C LEU A 224 2.29 1.01 -2.58
N ILE A 225 2.98 2.12 -2.34
CA ILE A 225 4.44 2.17 -2.47
C ILE A 225 5.03 1.25 -1.40
N HIS A 226 4.48 1.31 -0.19
CA HIS A 226 4.93 0.43 0.91
C HIS A 226 4.70 -1.01 0.50
N ALA A 227 3.50 -1.28 -0.04
CA ALA A 227 3.15 -2.62 -0.48
C ALA A 227 4.18 -3.09 -1.51
N GLY A 228 4.56 -2.19 -2.39
CA GLY A 228 5.55 -2.53 -3.40
C GLY A 228 6.85 -2.99 -2.79
N HIS A 229 7.37 -2.21 -1.84
CA HIS A 229 8.62 -2.56 -1.16
C HIS A 229 8.49 -3.90 -0.46
N ARG A 230 7.36 -4.08 0.21
CA ARG A 230 7.14 -5.30 0.96
C ARG A 230 6.88 -6.54 0.10
N LEU A 231 6.32 -6.38 -1.10
CA LEU A 231 6.08 -7.52 -1.98
C LEU A 231 7.39 -8.01 -2.58
N TYR A 232 8.36 -7.11 -2.75
CA TYR A 232 9.65 -7.51 -3.31
C TYR A 232 10.65 -7.80 -2.20
N GLY A 233 10.17 -7.76 -0.96
CA GLY A 233 11.00 -8.05 0.19
C GLY A 233 12.18 -7.11 0.43
N ILE A 234 12.04 -5.85 0.05
CA ILE A 234 13.10 -4.87 0.23
C ILE A 234 12.78 -3.72 1.19
N ALA A 235 11.81 -3.92 2.07
CA ALA A 235 11.41 -2.91 3.04
C ALA A 235 12.54 -2.71 4.05
N ILE A 236 12.82 -1.46 4.41
CA ILE A 236 13.88 -1.19 5.37
C ILE A 236 13.47 -1.60 6.79
N ASN A 237 14.38 -2.27 7.48
CA ASN A 237 14.13 -2.72 8.85
C ASN A 237 13.55 -1.56 9.65
N PRO A 238 12.41 -1.77 10.33
CA PRO A 238 11.79 -0.71 11.12
C PRO A 238 12.64 -0.27 12.31
N ASN A 239 13.74 -0.97 12.54
CA ASN A 239 14.64 -0.62 13.64
C ASN A 239 15.43 0.61 13.20
N ARG A 240 15.57 0.79 11.88
CA ARG A 240 16.28 1.95 11.35
C ARG A 240 15.32 3.12 11.33
N VAL A 241 15.57 4.09 12.22
CA VAL A 241 14.71 5.26 12.33
C VAL A 241 15.51 6.55 12.43
N PHE A 242 14.83 7.66 12.18
CA PHE A 242 15.45 8.98 12.22
C PHE A 242 14.78 9.77 13.34
N LYS A 243 15.57 10.22 14.33
CA LYS A 243 15.03 11.00 15.45
C LYS A 243 15.00 12.48 15.06
N VAL A 244 13.87 13.12 15.32
CA VAL A 244 13.70 14.53 14.99
C VAL A 244 13.17 15.32 16.17
N ASN A 245 13.78 16.46 16.45
CA ASN A 245 13.31 17.29 17.54
C ASN A 245 12.16 18.17 17.03
N THR A 246 11.11 18.30 17.82
CA THR A 246 9.98 19.12 17.42
C THR A 246 9.46 19.98 18.57
N ASN A 247 9.01 21.18 18.23
CA ASN A 247 8.50 22.12 19.22
C ASN A 247 7.01 22.38 18.97
N ALA A 248 6.44 21.60 18.06
CA ALA A 248 5.04 21.74 17.66
C ALA A 248 3.95 21.45 18.68
N TYR A 249 4.22 20.60 19.66
CA TYR A 249 3.18 20.28 20.65
C TYR A 249 3.66 20.37 22.09
N TYR A 250 2.73 20.70 22.99
CA TYR A 250 3.06 20.79 24.40
C TYR A 250 3.34 19.39 24.91
N GLU A 251 4.30 19.27 25.81
CA GLU A 251 4.66 17.98 26.41
C GLU A 251 5.30 16.97 25.45
N MET A 252 5.61 17.40 24.23
CA MET A 252 6.27 16.53 23.27
C MET A 252 7.57 17.24 22.94
N SER A 253 8.62 16.49 22.63
CA SER A 253 9.89 17.12 22.31
C SER A 253 10.55 16.51 21.09
N GLY A 254 10.01 15.39 20.64
CA GLY A 254 10.62 14.74 19.50
C GLY A 254 9.70 13.92 18.63
N LEU A 255 10.28 13.39 17.56
CA LEU A 255 9.55 12.58 16.61
C LEU A 255 10.49 11.52 16.08
N GLU A 256 9.94 10.33 15.84
CA GLU A 256 10.72 9.22 15.32
C GLU A 256 10.07 8.78 14.01
N VAL A 257 10.85 8.81 12.93
CA VAL A 257 10.34 8.40 11.61
C VAL A 257 11.21 7.29 11.03
N SER A 258 10.59 6.18 10.64
CA SER A 258 11.37 5.06 10.10
C SER A 258 11.98 5.43 8.75
N PHE A 259 13.11 4.80 8.43
CA PHE A 259 13.75 5.06 7.15
C PHE A 259 12.83 4.61 6.01
N GLU A 260 12.02 3.58 6.25
CA GLU A 260 11.06 3.08 5.25
C GLU A 260 10.15 4.24 4.86
N GLU A 261 9.65 4.94 5.87
CA GLU A 261 8.77 6.10 5.67
C GLU A 261 9.47 7.19 4.88
N LEU A 262 10.69 7.53 5.29
CA LEU A 262 11.44 8.58 4.59
C LEU A 262 11.65 8.19 3.13
N ARG A 263 11.98 6.93 2.89
CA ARG A 263 12.18 6.46 1.53
C ARG A 263 10.87 6.60 0.73
N THR A 264 9.77 6.18 1.34
CA THR A 264 8.46 6.24 0.68
C THR A 264 8.00 7.66 0.36
N PHE A 265 8.31 8.61 1.23
CA PHE A 265 7.93 10.02 0.99
C PHE A 265 8.66 10.56 -0.25
N GLY A 266 9.94 10.23 -0.37
CA GLY A 266 10.72 10.75 -1.48
C GLY A 266 11.05 12.22 -1.25
N GLY A 267 11.31 12.95 -2.33
CA GLY A 267 11.61 14.37 -2.24
C GLY A 267 12.64 14.77 -1.19
N HIS A 268 12.33 15.81 -0.43
CA HIS A 268 13.24 16.29 0.60
C HIS A 268 13.49 15.32 1.75
N ASP A 269 12.43 14.76 2.32
CA ASP A 269 12.54 13.84 3.44
C ASP A 269 13.45 12.63 3.22
N ALA A 270 13.44 12.09 2.00
CA ALA A 270 14.26 10.92 1.69
C ALA A 270 15.74 11.26 1.77
N LYS A 271 16.08 12.54 1.64
CA LYS A 271 17.47 12.96 1.70
C LYS A 271 18.04 12.87 3.11
N PHE A 272 17.17 12.63 4.10
CA PHE A 272 17.64 12.50 5.48
C PHE A 272 18.39 11.18 5.67
N ILE A 273 18.27 10.29 4.69
CA ILE A 273 18.98 9.02 4.76
C ILE A 273 20.36 9.23 4.14
N ASP A 274 21.39 8.93 4.91
CA ASP A 274 22.78 9.09 4.51
C ASP A 274 23.18 8.23 3.30
N SER A 275 24.15 8.71 2.52
CA SER A 275 24.62 7.98 1.34
C SER A 275 25.22 6.64 1.71
N LEU A 276 25.98 6.60 2.81
CA LEU A 276 26.58 5.35 3.25
C LEU A 276 25.47 4.34 3.53
N GLN A 277 24.43 4.80 4.22
CA GLN A 277 23.31 3.94 4.57
C GLN A 277 22.57 3.47 3.32
N GLU A 278 22.37 4.38 2.39
CA GLU A 278 21.67 4.04 1.15
C GLU A 278 22.38 2.93 0.38
N ASN A 279 23.70 3.06 0.24
CA ASN A 279 24.46 2.04 -0.47
C ASN A 279 24.43 0.73 0.31
N GLU A 280 24.44 0.85 1.63
CA GLU A 280 24.39 -0.31 2.50
C GLU A 280 23.13 -1.13 2.21
N PHE A 281 22.01 -0.43 2.08
CA PHE A 281 20.74 -1.07 1.81
C PHE A 281 20.69 -1.72 0.44
N ARG A 282 21.10 -0.97 -0.58
CA ARG A 282 21.09 -1.48 -1.94
C ARG A 282 21.92 -2.75 -2.06
N LEU A 283 23.08 -2.77 -1.42
CA LEU A 283 23.95 -3.93 -1.46
C LEU A 283 23.32 -5.08 -0.69
N TYR A 284 22.67 -4.73 0.42
CA TYR A 284 22.03 -5.74 1.26
C TYR A 284 20.97 -6.53 0.49
N TYR A 285 20.05 -5.82 -0.12
CA TYR A 285 18.98 -6.47 -0.88
C TYR A 285 19.48 -7.14 -2.15
N TYR A 286 20.57 -6.61 -2.71
CA TYR A 286 21.17 -7.20 -3.90
C TYR A 286 21.60 -8.62 -3.53
N ASN A 287 22.15 -8.76 -2.33
CA ASN A 287 22.59 -10.06 -1.84
C ASN A 287 21.40 -10.97 -1.61
N LYS A 288 20.30 -10.39 -1.15
CA LYS A 288 19.09 -11.17 -0.90
C LYS A 288 18.55 -11.76 -2.20
N PHE A 289 18.62 -10.97 -3.28
CA PHE A 289 18.17 -11.42 -4.59
C PHE A 289 19.07 -12.55 -5.10
N LYS A 290 20.36 -12.49 -4.76
CA LYS A 290 21.30 -13.51 -5.18
C LYS A 290 20.99 -14.81 -4.46
N ASP A 291 20.60 -14.71 -3.19
CA ASP A 291 20.26 -15.90 -2.42
C ASP A 291 19.03 -16.57 -3.02
N ILE A 292 18.09 -15.77 -3.49
CA ILE A 292 16.89 -16.30 -4.10
C ILE A 292 17.23 -17.03 -5.38
N ALA A 293 18.04 -16.40 -6.23
CA ALA A 293 18.45 -17.01 -7.49
C ALA A 293 19.17 -18.33 -7.19
N SER A 294 19.91 -18.35 -6.09
CA SER A 294 20.64 -19.54 -5.67
C SER A 294 19.65 -20.63 -5.27
N THR A 295 18.62 -20.24 -4.54
CA THR A 295 17.60 -21.18 -4.11
C THR A 295 16.90 -21.76 -5.32
N LEU A 296 16.64 -20.92 -6.31
CA LEU A 296 15.97 -21.35 -7.53
C LEU A 296 16.85 -22.32 -8.34
N ASN A 297 18.16 -22.13 -8.31
CA ASN A 297 19.07 -22.99 -9.03
C ASN A 297 19.18 -24.37 -8.38
N LYS A 298 18.91 -24.45 -7.09
CA LYS A 298 18.98 -25.71 -6.37
C LYS A 298 17.64 -26.44 -6.28
N ALA A 299 16.56 -25.79 -6.74
CA ALA A 299 15.24 -26.39 -6.70
C ALA A 299 15.16 -27.56 -7.67
N LYS A 300 14.78 -28.72 -7.16
CA LYS A 300 14.67 -29.92 -7.98
C LYS A 300 13.21 -30.34 -8.11
N SER A 301 12.40 -29.95 -7.14
CA SER A 301 10.98 -30.31 -7.15
C SER A 301 10.07 -29.20 -6.65
N ILE A 302 8.77 -29.40 -6.84
CA ILE A 302 7.75 -28.44 -6.42
C ILE A 302 6.50 -29.22 -5.97
N VAL A 303 5.83 -28.74 -4.94
CA VAL A 303 4.64 -29.40 -4.44
C VAL A 303 3.50 -28.39 -4.28
N GLY A 304 2.27 -28.83 -4.47
CA GLY A 304 1.13 -27.94 -4.27
C GLY A 304 0.51 -27.16 -5.41
N THR A 305 0.94 -27.39 -6.65
CA THR A 305 0.35 -26.68 -7.77
C THR A 305 0.30 -27.53 -9.02
N THR A 306 -0.66 -27.23 -9.89
CA THR A 306 -0.83 -27.95 -11.15
C THR A 306 0.26 -27.55 -12.14
N ALA A 307 0.89 -26.40 -11.89
CA ALA A 307 1.94 -25.87 -12.77
C ALA A 307 3.28 -26.59 -12.66
N SER A 308 4.05 -26.55 -13.73
CA SER A 308 5.36 -27.21 -13.78
C SER A 308 6.43 -26.45 -13.01
N LEU A 309 7.48 -27.17 -12.64
CA LEU A 309 8.61 -26.59 -11.93
C LEU A 309 9.25 -25.49 -12.76
N GLN A 310 9.46 -25.76 -14.04
CA GLN A 310 10.09 -24.76 -14.91
C GLN A 310 9.30 -23.46 -14.95
N TYR A 311 7.98 -23.58 -15.04
CA TYR A 311 7.12 -22.40 -15.11
C TYR A 311 7.17 -21.56 -13.84
N MET A 312 7.10 -22.22 -12.69
CA MET A 312 7.14 -21.52 -11.42
C MET A 312 8.51 -20.88 -11.17
N LYS A 313 9.58 -21.49 -11.66
CA LYS A 313 10.91 -20.91 -11.49
C LYS A 313 10.96 -19.68 -12.39
N ASN A 314 10.29 -19.77 -13.54
CA ASN A 314 10.27 -18.67 -14.49
C ASN A 314 9.49 -17.45 -13.99
N VAL A 315 8.45 -17.70 -13.19
CA VAL A 315 7.67 -16.60 -12.64
C VAL A 315 8.61 -15.71 -11.83
N PHE A 316 9.42 -16.32 -10.98
CA PHE A 316 10.34 -15.55 -10.15
C PHE A 316 11.53 -15.01 -10.90
N LYS A 317 11.91 -15.67 -11.99
CA LYS A 317 13.00 -15.17 -12.81
C LYS A 317 12.51 -13.81 -13.34
N GLU A 318 11.24 -13.77 -13.74
CA GLU A 318 10.65 -12.55 -14.26
C GLU A 318 10.39 -11.51 -13.16
N LYS A 319 9.98 -11.95 -11.98
CA LYS A 319 9.70 -11.01 -10.89
C LYS A 319 10.94 -10.23 -10.48
N TYR A 320 12.06 -10.95 -10.31
CA TYR A 320 13.30 -10.33 -9.90
C TYR A 320 14.19 -9.91 -11.07
N LEU A 321 13.65 -9.99 -12.28
CA LEU A 321 14.42 -9.64 -13.48
C LEU A 321 15.78 -10.35 -13.51
N LEU A 322 15.78 -11.65 -13.22
CA LEU A 322 17.01 -12.42 -13.20
C LEU A 322 17.44 -12.81 -14.62
N SER A 323 18.74 -13.06 -14.78
CA SER A 323 19.29 -13.46 -16.07
C SER A 323 19.36 -14.99 -16.09
N GLU A 324 19.09 -15.58 -17.26
CA GLU A 324 19.13 -17.03 -17.40
C GLU A 324 20.05 -17.41 -18.57
N ASP A 325 21.13 -18.12 -18.27
CA ASP A 325 22.09 -18.53 -19.30
C ASP A 325 21.58 -19.72 -20.12
N THR A 326 22.34 -20.07 -21.16
CA THR A 326 21.97 -21.18 -22.03
C THR A 326 21.83 -22.52 -21.31
N SER A 327 22.35 -22.60 -20.08
CA SER A 327 22.26 -23.84 -19.32
C SER A 327 21.08 -23.80 -18.33
N GLY A 328 20.31 -22.72 -18.38
CA GLY A 328 19.14 -22.59 -17.51
C GLY A 328 19.41 -22.17 -16.08
N LYS A 329 20.60 -21.62 -15.82
CA LYS A 329 20.95 -21.17 -14.47
C LYS A 329 20.58 -19.70 -14.31
N PHE A 330 20.11 -19.33 -13.13
CA PHE A 330 19.72 -17.93 -12.87
C PHE A 330 20.81 -17.14 -12.16
N SER A 331 20.90 -15.84 -12.47
CA SER A 331 21.86 -14.96 -11.82
C SER A 331 21.28 -13.55 -11.75
N VAL A 332 21.75 -12.76 -10.79
CA VAL A 332 21.30 -11.38 -10.65
C VAL A 332 22.22 -10.49 -11.45
N ASP A 333 21.65 -9.73 -12.38
CA ASP A 333 22.42 -8.80 -13.20
C ASP A 333 22.52 -7.48 -12.44
N LYS A 334 23.73 -7.07 -12.08
CA LYS A 334 23.93 -5.83 -11.33
C LYS A 334 23.24 -4.61 -11.92
N LEU A 335 23.31 -4.43 -13.23
CA LEU A 335 22.68 -3.29 -13.88
C LEU A 335 21.16 -3.36 -13.77
N LYS A 336 20.60 -4.54 -14.03
CA LYS A 336 19.15 -4.74 -13.96
C LYS A 336 18.64 -4.53 -12.54
N PHE A 337 19.37 -5.08 -11.56
CA PHE A 337 18.98 -4.94 -10.17
C PHE A 337 18.92 -3.47 -9.76
N ASP A 338 19.97 -2.72 -10.10
CA ASP A 338 20.02 -1.30 -9.75
C ASP A 338 18.86 -0.52 -10.35
N LYS A 339 18.51 -0.80 -11.60
CA LYS A 339 17.40 -0.10 -12.23
C LYS A 339 16.07 -0.48 -11.59
N LEU A 340 15.92 -1.75 -11.22
CA LEU A 340 14.69 -2.20 -10.59
C LEU A 340 14.60 -1.63 -9.17
N TYR A 341 15.71 -1.70 -8.43
CA TYR A 341 15.75 -1.20 -7.07
C TYR A 341 15.47 0.30 -7.07
N LYS A 342 16.07 1.00 -8.03
CA LYS A 342 15.91 2.44 -8.14
C LYS A 342 14.46 2.81 -8.44
N MET A 343 13.81 2.04 -9.31
CA MET A 343 12.43 2.33 -9.65
C MET A 343 11.50 2.11 -8.45
N LEU A 344 11.72 1.03 -7.72
CA LEU A 344 10.89 0.73 -6.55
C LEU A 344 11.09 1.66 -5.37
N THR A 345 12.29 2.21 -5.20
CA THR A 345 12.56 3.08 -4.05
C THR A 345 12.73 4.56 -4.31
N GLU A 346 13.09 4.93 -5.55
CA GLU A 346 13.32 6.33 -5.89
C GLU A 346 12.33 6.92 -6.90
N ILE A 347 11.80 6.10 -7.80
CA ILE A 347 10.84 6.61 -8.76
C ILE A 347 9.44 6.54 -8.13
N TYR A 348 9.12 5.40 -7.51
CA TYR A 348 7.82 5.24 -6.86
C TYR A 348 7.88 5.90 -5.48
N THR A 349 7.55 7.20 -5.41
CA THR A 349 7.56 7.91 -4.14
C THR A 349 6.36 8.86 -4.09
N GLU A 350 5.93 9.23 -2.89
CA GLU A 350 4.80 10.14 -2.74
C GLU A 350 5.02 11.45 -3.49
N ASP A 351 6.21 12.02 -3.33
CA ASP A 351 6.53 13.28 -3.98
C ASP A 351 6.32 13.22 -5.51
N ASN A 352 6.74 12.14 -6.14
CA ASN A 352 6.56 12.04 -7.59
C ASN A 352 5.10 11.88 -8.00
N PHE A 353 4.28 11.26 -7.16
CA PHE A 353 2.87 11.13 -7.49
C PHE A 353 2.24 12.53 -7.37
N VAL A 354 2.76 13.34 -6.46
CA VAL A 354 2.24 14.71 -6.28
C VAL A 354 2.49 15.48 -7.57
N LYS A 355 3.67 15.30 -8.16
CA LYS A 355 4.01 15.99 -9.41
C LYS A 355 3.16 15.50 -10.57
N PHE A 356 2.93 14.19 -10.66
CA PHE A 356 2.13 13.64 -11.76
C PHE A 356 0.66 14.06 -11.66
N PHE A 357 0.12 14.09 -10.44
CA PHE A 357 -1.27 14.48 -10.25
C PHE A 357 -1.47 16.00 -10.26
N LYS A 358 -0.41 16.75 -9.99
CA LYS A 358 -0.50 18.21 -9.95
C LYS A 358 -1.48 18.63 -8.85
N VAL A 359 -1.19 18.24 -7.62
CA VAL A 359 -2.06 18.60 -6.51
C VAL A 359 -1.23 19.25 -5.40
N LEU A 360 -1.92 19.88 -4.47
CA LEU A 360 -1.25 20.50 -3.35
C LEU A 360 -1.07 19.36 -2.33
N ASN A 361 0.07 19.33 -1.66
CA ASN A 361 0.35 18.27 -0.70
C ASN A 361 1.45 18.77 0.23
N ARG A 362 1.57 18.18 1.41
CA ARG A 362 2.62 18.57 2.34
C ARG A 362 3.97 18.35 1.67
N LYS A 363 4.95 19.18 2.03
CA LYS A 363 6.30 19.09 1.47
C LYS A 363 7.23 18.21 2.30
N THR A 364 6.93 18.10 3.59
CA THR A 364 7.74 17.29 4.50
C THR A 364 6.86 16.78 5.62
N PHE A 365 7.27 15.68 6.24
CA PHE A 365 6.48 15.10 7.32
C PHE A 365 6.41 16.03 8.53
N LEU A 366 7.30 17.03 8.56
CA LEU A 366 7.33 17.99 9.65
C LEU A 366 6.16 18.98 9.61
N ASN A 367 5.41 18.95 8.51
CA ASN A 367 4.25 19.81 8.37
C ASN A 367 3.08 18.89 8.72
N PHE A 368 2.72 18.85 10.00
CA PHE A 368 1.67 17.96 10.49
C PHE A 368 0.25 18.30 10.09
N ASP A 369 -0.55 17.25 9.87
CA ASP A 369 -1.96 17.41 9.53
C ASP A 369 -2.61 18.14 10.69
N LYS A 370 -3.69 18.87 10.42
CA LYS A 370 -4.37 19.63 11.46
C LYS A 370 -5.87 19.35 11.56
N ALA A 371 -6.43 18.68 10.56
CA ALA A 371 -7.84 18.39 10.58
C ALA A 371 -8.20 17.13 9.80
N VAL A 372 -9.44 16.68 9.98
CA VAL A 372 -9.96 15.51 9.29
C VAL A 372 -11.32 15.90 8.70
N PHE A 373 -11.55 15.50 7.45
CA PHE A 373 -12.78 15.82 6.74
C PHE A 373 -13.49 14.60 6.20
N LYS A 374 -14.82 14.69 6.14
CA LYS A 374 -15.62 13.62 5.56
C LYS A 374 -15.76 14.08 4.12
N ILE A 375 -15.55 13.18 3.18
CA ILE A 375 -15.66 13.50 1.77
C ILE A 375 -16.50 12.46 1.07
N ASN A 376 -16.80 12.70 -0.19
CA ASN A 376 -17.59 11.79 -1.00
C ASN A 376 -17.12 11.98 -2.44
N ILE A 377 -16.17 11.16 -2.85
CA ILE A 377 -15.57 11.25 -4.19
C ILE A 377 -16.26 10.48 -5.31
N VAL A 378 -17.28 9.68 -4.98
CA VAL A 378 -17.95 8.90 -6.02
C VAL A 378 -18.66 9.77 -7.07
N PRO A 379 -19.43 10.79 -6.64
CA PRO A 379 -20.11 11.65 -7.62
C PRO A 379 -19.11 12.42 -8.50
N LYS A 380 -19.34 12.42 -9.82
CA LYS A 380 -18.44 13.13 -10.73
C LYS A 380 -18.43 14.65 -10.55
N VAL A 381 -19.49 15.21 -9.98
CA VAL A 381 -19.52 16.66 -9.75
C VAL A 381 -18.57 17.02 -8.61
N ASN A 382 -18.18 16.01 -7.83
CA ASN A 382 -17.29 16.21 -6.69
C ASN A 382 -15.83 15.92 -6.97
N TYR A 383 -15.56 14.81 -7.64
CA TYR A 383 -14.19 14.38 -7.86
C TYR A 383 -14.11 13.52 -9.11
N THR A 384 -13.04 13.68 -9.89
CA THR A 384 -12.91 12.87 -11.10
C THR A 384 -11.57 12.14 -11.16
N ILE A 385 -11.57 11.04 -11.89
CA ILE A 385 -10.38 10.21 -12.09
C ILE A 385 -9.20 11.04 -12.57
N TYR A 386 -9.46 11.91 -13.52
CA TYR A 386 -8.40 12.73 -14.09
C TYR A 386 -7.97 14.00 -13.38
N ASP A 387 -8.87 14.63 -12.64
CA ASP A 387 -8.51 15.88 -11.96
C ASP A 387 -8.65 15.86 -10.44
N GLY A 388 -9.23 14.80 -9.89
CA GLY A 388 -9.41 14.77 -8.44
C GLY A 388 -10.43 15.84 -8.06
N PHE A 389 -10.07 16.72 -7.12
CA PHE A 389 -10.97 17.78 -6.68
C PHE A 389 -10.91 19.04 -7.56
N ASN A 390 -9.77 19.26 -8.20
CA ASN A 390 -9.54 20.46 -9.02
C ASN A 390 -10.10 20.35 -10.44
N LEU A 391 -11.42 20.30 -10.53
CA LEU A 391 -12.11 20.16 -11.81
C LEU A 391 -11.72 21.17 -12.88
N ARG A 392 -11.42 20.66 -14.07
CA ARG A 392 -11.05 21.51 -15.20
C ARG A 392 -12.23 22.39 -15.65
N ASN A 393 -11.90 23.53 -16.24
CA ASN A 393 -12.89 24.47 -16.75
C ASN A 393 -13.78 25.09 -15.69
N THR A 394 -13.31 25.10 -14.44
CA THR A 394 -14.09 25.70 -13.35
C THR A 394 -13.15 26.52 -12.47
N ASN A 395 -13.73 27.15 -11.44
CA ASN A 395 -12.95 27.95 -10.52
C ASN A 395 -12.01 27.04 -9.73
N LEU A 396 -12.35 25.76 -9.68
CA LEU A 396 -11.57 24.76 -8.94
C LEU A 396 -10.29 24.29 -9.63
N ALA A 397 -10.12 24.63 -10.91
CA ALA A 397 -8.94 24.19 -11.65
C ALA A 397 -7.68 24.98 -11.30
N ALA A 398 -7.84 26.24 -10.93
CA ALA A 398 -6.70 27.09 -10.61
C ALA A 398 -6.28 27.10 -9.14
N ASN A 399 -4.98 27.26 -8.92
CA ASN A 399 -4.37 27.33 -7.59
C ASN A 399 -4.85 26.27 -6.60
N PHE A 400 -5.12 25.06 -7.11
CA PHE A 400 -5.58 23.96 -6.26
C PHE A 400 -6.83 24.33 -5.47
N ASN A 401 -7.65 25.22 -6.03
CA ASN A 401 -8.87 25.66 -5.35
C ASN A 401 -9.79 24.50 -4.96
N GLY A 402 -9.76 23.42 -5.75
CA GLY A 402 -10.61 22.29 -5.41
C GLY A 402 -10.21 21.65 -4.08
N GLN A 403 -8.95 21.78 -3.69
CA GLN A 403 -8.50 21.22 -2.43
C GLN A 403 -8.64 22.23 -1.28
N ASN A 404 -9.04 23.45 -1.61
CA ASN A 404 -9.23 24.50 -0.60
C ASN A 404 -10.63 24.24 -0.03
N THR A 405 -10.69 23.70 1.18
CA THR A 405 -11.98 23.39 1.78
C THR A 405 -12.84 24.63 2.03
N GLU A 406 -12.24 25.82 1.96
CA GLU A 406 -13.02 27.03 2.18
C GLU A 406 -13.65 27.54 0.87
N ILE A 407 -13.08 27.16 -0.27
CA ILE A 407 -13.62 27.57 -1.56
C ILE A 407 -14.57 26.50 -2.08
N ASN A 408 -14.13 25.25 -2.02
CA ASN A 408 -14.90 24.11 -2.48
C ASN A 408 -15.54 23.42 -1.27
N ASN A 409 -16.21 24.21 -0.44
CA ASN A 409 -16.80 23.65 0.78
C ASN A 409 -17.92 22.60 0.68
N MET A 410 -18.58 22.48 -0.47
CA MET A 410 -19.63 21.47 -0.59
C MET A 410 -19.05 20.05 -0.58
N ASN A 411 -17.72 19.96 -0.75
CA ASN A 411 -17.07 18.66 -0.78
C ASN A 411 -16.52 18.21 0.57
N PHE A 412 -16.73 18.99 1.62
CA PHE A 412 -16.17 18.62 2.91
C PHE A 412 -17.03 18.97 4.12
N THR A 413 -16.89 18.13 5.15
CA THR A 413 -17.54 18.33 6.44
C THR A 413 -16.39 18.16 7.43
N LYS A 414 -16.08 19.22 8.17
CA LYS A 414 -15.01 19.14 9.14
C LYS A 414 -15.48 18.28 10.30
N LEU A 415 -14.65 17.30 10.68
CA LEU A 415 -15.02 16.40 11.77
C LEU A 415 -14.25 16.69 13.04
N LYS A 416 -14.69 16.09 14.14
CA LYS A 416 -14.03 16.24 15.42
C LYS A 416 -12.71 15.46 15.38
N ASN A 417 -11.64 16.08 15.85
CA ASN A 417 -10.33 15.46 15.88
C ASN A 417 -10.21 14.91 17.32
N PHE A 418 -9.98 13.61 17.45
CA PHE A 418 -9.88 12.99 18.78
C PHE A 418 -8.51 13.10 19.44
N THR A 419 -7.60 13.83 18.80
CA THR A 419 -6.24 13.97 19.34
C THR A 419 -6.15 14.53 20.75
N PRO A 420 -5.18 14.05 21.53
CA PRO A 420 -5.00 14.53 22.90
C PRO A 420 -3.91 15.60 22.87
N LEU A 421 -3.21 15.73 21.75
CA LEU A 421 -2.13 16.71 21.62
C LEU A 421 -2.64 18.15 21.56
N VAL A 422 -1.84 19.07 22.11
CA VAL A 422 -2.19 20.49 22.12
C VAL A 422 -1.10 21.26 21.39
N PRO A 423 -1.41 21.83 20.21
CA PRO A 423 -0.43 22.57 19.42
C PRO A 423 0.15 23.77 20.18
N ARG A 424 1.46 23.95 20.13
CA ARG A 424 2.13 25.05 20.80
C ARG A 424 2.34 26.20 19.82
N MET B 1 7.13 26.90 -12.29
CA MET B 1 5.74 26.98 -12.81
C MET B 1 5.49 25.92 -13.88
N ASP B 2 6.47 25.72 -14.77
CA ASP B 2 6.37 24.74 -15.83
C ASP B 2 7.48 23.71 -15.66
N GLU B 3 8.23 23.84 -14.57
CA GLU B 3 9.33 22.94 -14.27
C GLU B 3 8.80 21.58 -13.84
N ASN B 4 7.58 21.57 -13.32
CA ASN B 4 6.96 20.33 -12.87
C ASN B 4 6.80 19.39 -14.07
N LEU B 5 6.15 19.89 -15.12
CA LEU B 5 5.93 19.08 -16.32
C LEU B 5 7.24 18.54 -16.88
N GLU B 6 8.30 19.35 -16.81
CA GLU B 6 9.59 18.92 -17.31
C GLU B 6 10.08 17.73 -16.49
N GLN B 7 9.84 17.78 -15.19
CA GLN B 7 10.25 16.69 -14.31
C GLN B 7 9.42 15.45 -14.62
N VAL B 8 8.12 15.66 -14.87
CA VAL B 8 7.21 14.57 -15.22
C VAL B 8 7.71 13.86 -16.48
N SER B 9 7.94 14.61 -17.56
CA SER B 9 8.39 13.98 -18.79
C SER B 9 9.72 13.24 -18.58
N GLY B 10 10.56 13.78 -17.70
CA GLY B 10 11.83 13.14 -17.41
C GLY B 10 11.62 11.78 -16.76
N ILE B 11 10.77 11.76 -15.74
CA ILE B 11 10.47 10.51 -15.03
C ILE B 11 9.82 9.51 -15.98
N ILE B 12 9.00 10.01 -16.89
CA ILE B 12 8.33 9.16 -17.87
C ILE B 12 9.39 8.46 -18.71
N GLY B 13 10.48 9.17 -19.00
CA GLY B 13 11.55 8.60 -19.79
C GLY B 13 12.11 7.35 -19.13
N ASN B 14 12.43 7.45 -17.84
CA ASN B 14 12.98 6.33 -17.09
C ASN B 14 11.99 5.16 -17.02
N LEU B 15 10.72 5.46 -16.92
CA LEU B 15 9.70 4.41 -16.85
C LEU B 15 9.63 3.68 -18.19
N ARG B 16 9.77 4.43 -19.27
CA ARG B 16 9.72 3.85 -20.61
C ARG B 16 10.82 2.82 -20.78
N HIS B 17 11.99 3.10 -20.18
CA HIS B 17 13.12 2.19 -20.26
C HIS B 17 12.85 0.89 -19.49
N MET B 18 12.10 0.98 -18.41
CA MET B 18 11.78 -0.19 -17.60
C MET B 18 10.58 -0.95 -18.17
N ALA B 19 9.78 -0.25 -18.96
CA ALA B 19 8.58 -0.82 -19.55
C ALA B 19 8.81 -2.12 -20.32
N LEU B 20 9.97 -2.24 -20.97
CA LEU B 20 10.26 -3.43 -21.77
C LEU B 20 10.47 -4.67 -20.92
N ASP B 21 10.81 -4.48 -19.65
CA ASP B 21 11.03 -5.61 -18.76
C ASP B 21 9.97 -5.71 -17.66
N MET B 22 9.37 -4.57 -17.33
CA MET B 22 8.37 -4.51 -16.26
C MET B 22 6.98 -4.08 -16.73
N GLY B 23 6.81 -3.90 -18.04
CA GLY B 23 5.53 -3.44 -18.55
C GLY B 23 4.33 -4.37 -18.52
N ASN B 24 4.56 -5.67 -18.48
CA ASN B 24 3.47 -6.64 -18.47
C ASN B 24 3.40 -7.45 -17.19
N GLU B 25 2.22 -7.96 -16.89
CA GLU B 25 2.00 -8.78 -15.70
C GLU B 25 2.53 -10.18 -16.01
N ILE B 26 2.78 -10.97 -14.96
CA ILE B 26 3.30 -12.32 -15.12
C ILE B 26 2.43 -13.33 -14.38
N ASP B 27 2.84 -14.61 -14.41
CA ASP B 27 2.08 -15.69 -13.76
C ASP B 27 0.62 -15.58 -14.20
N THR B 28 0.43 -15.48 -15.51
CA THR B 28 -0.89 -15.33 -16.14
C THR B 28 -1.59 -16.60 -16.56
N GLN B 29 -0.88 -17.73 -16.62
CA GLN B 29 -1.51 -18.98 -17.04
C GLN B 29 -2.42 -19.60 -15.97
N ASN B 30 -3.42 -20.32 -16.42
CA ASN B 30 -4.44 -20.91 -15.55
C ASN B 30 -4.10 -22.06 -14.59
N ARG B 31 -3.16 -21.85 -13.68
CA ARG B 31 -2.79 -22.91 -12.74
C ARG B 31 -3.63 -22.84 -11.47
N GLN B 32 -3.62 -23.91 -10.69
CA GLN B 32 -4.36 -23.96 -9.43
C GLN B 32 -3.41 -24.50 -8.36
N ILE B 33 -3.79 -24.37 -7.10
CA ILE B 33 -2.98 -24.87 -5.99
C ILE B 33 -3.84 -25.73 -5.09
N ASP B 34 -3.19 -26.55 -4.26
CA ASP B 34 -3.93 -27.42 -3.36
C ASP B 34 -4.66 -26.58 -2.32
N ARG B 35 -5.82 -27.06 -1.90
CA ARG B 35 -6.60 -26.36 -0.89
C ARG B 35 -5.80 -26.31 0.39
N ILE B 36 -5.82 -25.15 1.05
CA ILE B 36 -5.11 -25.00 2.30
C ILE B 36 -6.04 -25.40 3.43
N MET B 37 -5.69 -26.48 4.12
CA MET B 37 -6.49 -26.98 5.23
C MET B 37 -6.45 -26.00 6.39
N GLU B 38 -7.63 -25.55 6.82
CA GLU B 38 -7.74 -24.60 7.92
C GLU B 38 -7.64 -25.33 9.26
N LYS B 39 -6.44 -25.37 9.81
CA LYS B 39 -6.20 -26.04 11.09
C LYS B 39 -6.50 -25.12 12.27
N ALA B 40 -6.58 -25.69 13.47
CA ALA B 40 -6.86 -24.92 14.68
C ALA B 40 -5.80 -23.85 14.91
N ASP B 41 -6.14 -22.61 14.57
CA ASP B 41 -5.21 -21.50 14.72
C ASP B 41 -5.11 -20.97 16.15
N SER B 42 -4.60 -21.80 17.06
CA SER B 42 -4.44 -21.40 18.45
C SER B 42 -3.34 -20.34 18.49
N ASN B 43 -2.29 -20.59 17.71
CA ASN B 43 -1.15 -19.68 17.59
C ASN B 43 -0.60 -19.88 16.19
N LYS B 44 -1.45 -19.70 15.19
CA LYS B 44 -1.09 -19.87 13.78
C LYS B 44 -0.08 -18.85 13.28
N THR B 45 -0.54 -17.90 12.46
CA THR B 45 0.33 -16.89 11.89
C THR B 45 0.46 -15.62 12.73
N ARG B 46 1.59 -14.94 12.56
CA ARG B 46 1.87 -13.70 13.28
C ARG B 46 1.76 -12.54 12.30
N ILE B 47 1.98 -11.32 12.77
CA ILE B 47 1.90 -10.15 11.90
C ILE B 47 3.19 -9.35 11.87
N ASP B 48 3.60 -8.95 10.67
CA ASP B 48 4.79 -8.12 10.51
C ASP B 48 4.34 -6.66 10.58
N GLU B 49 4.76 -5.98 11.64
CA GLU B 49 4.42 -4.58 11.89
C GLU B 49 4.41 -3.71 10.66
N ALA B 50 3.41 -2.83 10.58
CA ALA B 50 3.25 -1.91 9.46
C ALA B 50 3.92 -0.56 9.74
N ASN B 51 3.52 0.46 8.98
CA ASN B 51 4.08 1.80 9.12
C ASN B 51 2.99 2.81 9.54
N GLN B 52 2.96 3.15 10.82
CA GLN B 52 1.99 4.10 11.36
C GLN B 52 2.33 5.55 11.07
N ARG B 53 1.64 6.15 10.10
CA ARG B 53 1.87 7.55 9.71
C ARG B 53 3.32 8.01 9.88
N ALA B 54 3.50 9.20 10.47
CA ALA B 54 4.83 9.76 10.71
C ALA B 54 5.53 8.95 11.79
N THR B 55 4.81 8.06 12.41
CA THR B 55 5.33 7.17 13.45
C THR B 55 5.58 7.91 14.77
N LYS B 56 6.21 7.23 15.72
CA LYS B 56 6.39 7.64 17.10
C LYS B 56 6.68 9.13 17.48
N MET B 57 5.65 9.75 18.09
CA MET B 57 5.61 11.13 18.60
C MET B 57 6.00 11.06 20.05
N LEU B 58 7.29 11.01 20.30
CA LEU B 58 7.82 10.82 21.65
C LEU B 58 7.57 11.99 22.61
N GLY B 59 7.25 11.69 23.87
CA GLY B 59 6.99 12.70 24.89
C GLY B 59 8.32 13.20 25.47
ZN ZN C . 3.95 5.43 5.12
CL CL D . -14.55 10.38 -13.01
#